data_8TMA
#
_entry.id   8TMA
#
_cell.length_a   1.00
_cell.length_b   1.00
_cell.length_c   1.00
_cell.angle_alpha   90.00
_cell.angle_beta   90.00
_cell.angle_gamma   90.00
#
_symmetry.space_group_name_H-M   'P 1'
#
loop_
_entity.id
_entity.type
_entity.pdbx_description
1 polymer 'Spike glycoprotein'
2 polymer 'N3-1 Fab heavy chain'
3 polymer 'N3-1 Fab light chain'
#
loop_
_entity_poly.entity_id
_entity_poly.type
_entity_poly.pdbx_seq_one_letter_code
_entity_poly.pdbx_strand_id
1 'polypeptide(L)'
;MFVFLVLLPLVSSQCVNLTTRTQLPPAYTNSFTRGVYYPDKVFRSSVLHSTQDLFLPFFSNVTWFHAIHVSGTNGTKRFD
NPVLPFNDGVYFASTEKSNIIRGWIFGTTLDSKTQSLLIVNNATNVVIKVCEFQFCNDPFLGVYYHKNNKSWMESEFRVY
SSANNCTFEYVSQPFLMDLEGKQGNFKNLREFVFKNIDGYFKIYSKHTPINLVRDLPQGFSALEPLVDLPIGINITRFQT
LLALHRSYLTPGDSSSGWTAGAAAYYVGYLQPRTFLLKYNENGTITDAVDCALDPLSETKCTLKSFTVEKGIYQTSNFRV
QPTESIVRFPNITNLCPFGEVFNATRFASVYAWNRKRISNCVADYSVLYNSASFSTFKCYGVSPTKLNDLCFTNVYADSF
VIRGDEVRQIAPGQTGKIADYNYKLPDDFTGCVIAWNSNNLDSKVGGNYNYLYRLFRKSNLKPFERDISTEIYQAGSTPC
NGVEGFNCYFPLQSYGFQPTNGVGYQPYRVVVLSFELLHAPATVCGPKKSTNLVKNKCVNFNFNGLTGTGVLTESNKKFL
PFQQFGRDIADTTDAVRDPQTLEILDITPCSFGGVSVITPGTNTSNQVAVLYQDVNCTEVPVAIHADQLTPTWRVYSTGS
NVFQTRAGCLIGAEHVNNSYECDIPIGAGICASYQTQTNSPGSASSVASQSIIAYTMSLGAENSVAYSNNSIAIPTNFTI
SVTTEILPVSMTKTSVDCTMYICGDSTECSNLLLQYGSFCTQLNRALTGIAVEQDKNTQEVFAQVKQIYKTPPIKDFGGF
NFSQILPDPSKPSKRSPIEDLLFNKVTLADAGFIKQYGDCLGDIAARDLICAQKFNGLTVLPPLLTDEMIAQYTSALLAG
TITSGWTFGAGPALQIPFPMQMAYRFNGIGVTQNVLYENQKLIANQFNSAIGKIQDSLSSTPSALGKLQDVVNQNAQALN
TLVKQLSSNFGAISSVLNDILSRLDPPEAEVQIDRLITGRLQSLQTYVTQQLIRAAEIRASANLAATKMSECVLGQSKRV
DFCGKGYHLMSFPQSAPHGVVFLHVTYVPAQEKNFTTAPAICHDGKAHFPREGVFVSNGTHWFVTQRNFYEPQIITTDNT
FVSGNCDVVIGIVNNTVYDPLQPELDSFKEELDKYFKNHTSPDVDLGDISGINASVVNIQKEIDRLNEVAKNLNESLIDL
QELGKYEQGSGYIPEAPRDGQAYVRKDGEWVLLSTFLGRSLEVLFQGPGHHHHHHHHSAWSHPQFEKGGGSGGGGSGGSA
WSHPQFEK
;
A
2 'polypeptide(L)'
;QVQLQQWGPGLVNPSETLSLTCSVSGGSFATENYYWSWIRQHPGEGLEWIGNIYFSGNTYYNPSLNNRFTISFDTSKNHL
SLKLPSVTAADTAVYYCARGTIYFDRSGYRRVDPFHIWGQGTMVIVSS
;
H
3 'polypeptide(L)'
;DIQMTQSPSTLSASVGDRVTITCRASQSISSWLAWYQQKPGKAPKLLIYDASSLESGVPSRFSGSGSGTEFTLTISSLQP
DDFATYYCQQYNSYSPWTFGQGTKVEIK
;
L
#
# COMPACT_ATOMS: atom_id res chain seq x y z
N PRO A 337 30.86 -11.58 -2.52
CA PRO A 337 30.45 -12.94 -2.16
C PRO A 337 28.99 -13.06 -1.75
N PHE A 338 28.09 -12.97 -2.73
CA PHE A 338 26.67 -13.09 -2.43
C PHE A 338 26.23 -14.51 -2.13
N GLY A 339 27.02 -15.51 -2.55
CA GLY A 339 26.66 -16.89 -2.25
C GLY A 339 26.57 -17.18 -0.77
N GLU A 340 27.39 -16.51 0.04
CA GLU A 340 27.32 -16.68 1.49
C GLU A 340 25.99 -16.18 2.05
N VAL A 341 25.34 -15.24 1.38
CA VAL A 341 24.11 -14.64 1.87
C VAL A 341 22.88 -15.30 1.28
N PHE A 342 22.88 -15.56 -0.02
CA PHE A 342 21.71 -16.12 -0.70
C PHE A 342 21.65 -17.63 -0.63
N ASN A 343 22.65 -18.29 -0.03
CA ASN A 343 22.68 -19.74 0.03
C ASN A 343 23.03 -20.28 1.41
N ALA A 344 22.98 -19.45 2.45
CA ALA A 344 23.23 -19.95 3.80
C ALA A 344 22.07 -20.82 4.26
N THR A 345 22.33 -21.58 5.33
CA THR A 345 21.33 -22.48 5.90
C THR A 345 20.59 -21.87 7.07
N ARG A 346 21.33 -21.34 8.05
CA ARG A 346 20.72 -20.70 9.21
C ARG A 346 20.38 -19.25 8.90
N PHE A 347 19.15 -18.86 9.21
CA PHE A 347 18.70 -17.49 9.10
C PHE A 347 18.25 -17.01 10.48
N ALA A 348 18.06 -15.70 10.60
CA ALA A 348 17.72 -15.10 11.87
C ALA A 348 16.23 -14.77 11.94
N SER A 349 15.75 -14.57 13.16
CA SER A 349 14.37 -14.18 13.36
C SER A 349 14.22 -12.69 13.03
N VAL A 350 12.98 -12.30 12.74
CA VAL A 350 12.74 -10.93 12.28
C VAL A 350 13.11 -9.92 13.35
N TYR A 351 12.85 -10.22 14.63
CA TYR A 351 13.16 -9.24 15.66
C TYR A 351 14.66 -9.07 15.86
N ALA A 352 15.48 -10.00 15.38
CA ALA A 352 16.93 -9.96 15.51
C ALA A 352 17.59 -10.17 14.14
N TRP A 353 17.13 -9.41 13.15
CA TRP A 353 17.69 -9.47 11.80
C TRP A 353 19.21 -9.34 11.81
N ASN A 354 19.85 -10.03 10.88
CA ASN A 354 21.30 -10.08 10.78
C ASN A 354 21.81 -9.12 9.72
N ARG A 355 22.90 -8.41 10.03
CA ARG A 355 23.53 -7.45 9.13
C ARG A 355 24.90 -7.92 8.69
N LYS A 356 25.25 -7.60 7.45
CA LYS A 356 26.52 -7.98 6.83
C LYS A 356 27.10 -6.77 6.12
N ARG A 357 28.42 -6.79 5.94
CA ARG A 357 29.15 -5.71 5.28
C ARG A 357 29.88 -6.24 4.06
N ILE A 358 29.82 -5.48 2.97
CA ILE A 358 30.45 -5.87 1.71
C ILE A 358 31.42 -4.78 1.25
N TYR A 365 26.17 -8.61 -10.48
CA TYR A 365 24.75 -8.44 -10.20
C TYR A 365 23.90 -9.23 -11.18
N SER A 366 24.45 -9.49 -12.37
CA SER A 366 23.71 -10.21 -13.39
C SER A 366 23.16 -11.54 -12.87
N VAL A 367 23.90 -12.20 -11.98
CA VAL A 367 23.45 -13.46 -11.40
C VAL A 367 22.13 -13.28 -10.68
N LEU A 368 21.89 -12.09 -10.12
CA LEU A 368 20.66 -11.84 -9.36
C LEU A 368 19.47 -11.57 -10.27
N TYR A 369 19.55 -10.52 -11.11
CA TYR A 369 18.37 -10.13 -11.87
C TYR A 369 18.10 -11.01 -13.08
N ASN A 370 18.99 -11.91 -13.45
CA ASN A 370 18.70 -12.85 -14.52
C ASN A 370 18.03 -14.12 -14.04
N SER A 371 17.98 -14.35 -12.73
CA SER A 371 17.35 -15.54 -12.18
C SER A 371 15.83 -15.38 -12.18
N ALA A 372 15.14 -16.52 -12.23
CA ALA A 372 13.69 -16.53 -12.25
C ALA A 372 13.08 -17.20 -11.02
N SER A 373 13.90 -17.71 -10.10
CA SER A 373 13.38 -18.36 -8.91
C SER A 373 12.77 -17.37 -7.93
N PHE A 374 13.31 -16.16 -7.85
CA PHE A 374 12.83 -15.16 -6.91
C PHE A 374 11.37 -14.84 -7.16
N SER A 375 10.57 -14.89 -6.10
CA SER A 375 9.14 -14.59 -6.23
C SER A 375 8.88 -13.09 -6.27
N THR A 376 9.68 -12.29 -5.58
CA THR A 376 9.52 -10.84 -5.55
C THR A 376 10.86 -10.18 -5.80
N PHE A 377 10.84 -9.10 -6.58
CA PHE A 377 12.07 -8.37 -6.90
C PHE A 377 11.68 -6.93 -7.18
N LYS A 378 11.95 -6.03 -6.25
CA LYS A 378 11.62 -4.62 -6.43
C LYS A 378 12.75 -3.75 -5.93
N CYS A 379 13.07 -2.69 -6.67
CA CYS A 379 14.15 -1.79 -6.33
C CYS A 379 13.64 -0.35 -6.29
N TYR A 380 14.22 0.44 -5.40
CA TYR A 380 13.79 1.81 -5.17
C TYR A 380 14.97 2.74 -5.33
N GLY A 381 14.80 3.78 -6.15
CA GLY A 381 15.82 4.78 -6.37
C GLY A 381 16.80 4.48 -7.48
N VAL A 382 16.90 3.22 -7.92
CA VAL A 382 17.84 2.81 -8.96
C VAL A 382 17.19 1.73 -9.81
N SER A 383 17.79 1.46 -10.96
CA SER A 383 17.33 0.42 -11.86
C SER A 383 18.27 -0.77 -11.81
N PRO A 384 17.73 -1.99 -11.74
CA PRO A 384 18.61 -3.17 -11.64
C PRO A 384 19.59 -3.30 -12.79
N THR A 385 19.16 -2.99 -14.01
CA THR A 385 20.01 -3.12 -15.18
C THR A 385 21.18 -2.14 -15.19
N LYS A 386 21.07 -1.02 -14.48
CA LYS A 386 22.11 -0.01 -14.45
C LYS A 386 23.08 -0.17 -13.30
N LEU A 387 22.90 -1.19 -12.45
CA LEU A 387 23.75 -1.35 -11.27
C LEU A 387 25.21 -1.58 -11.62
N ASN A 388 25.50 -2.20 -12.77
CA ASN A 388 26.89 -2.42 -13.16
C ASN A 388 27.64 -1.15 -13.56
N ASP A 389 26.95 -0.03 -13.73
CA ASP A 389 27.57 1.21 -14.18
C ASP A 389 27.83 2.20 -13.04
N LEU A 390 27.76 1.76 -11.79
CA LEU A 390 27.96 2.65 -10.65
C LEU A 390 28.85 1.98 -9.62
N CYS A 391 29.46 2.81 -8.78
CA CYS A 391 30.34 2.36 -7.71
C CYS A 391 29.90 2.98 -6.40
N PHE A 392 30.07 2.23 -5.32
CA PHE A 392 29.69 2.69 -4.00
C PHE A 392 30.74 2.25 -2.99
N THR A 393 30.79 2.95 -1.86
CA THR A 393 31.72 2.57 -0.81
C THR A 393 31.14 1.48 0.09
N ASN A 394 29.85 1.53 0.37
CA ASN A 394 29.18 0.62 1.31
C ASN A 394 28.07 -0.16 0.62
N VAL A 395 28.00 -1.45 0.94
CA VAL A 395 26.93 -2.33 0.47
C VAL A 395 26.58 -3.25 1.64
N TYR A 396 25.39 -3.06 2.21
CA TYR A 396 24.93 -3.85 3.34
C TYR A 396 23.88 -4.86 2.90
N ALA A 397 23.88 -6.02 3.57
CA ALA A 397 22.91 -7.07 3.29
C ALA A 397 22.26 -7.49 4.61
N ASP A 398 20.93 -7.48 4.64
CA ASP A 398 20.17 -7.86 5.81
C ASP A 398 19.26 -9.03 5.45
N SER A 399 19.18 -10.01 6.33
CA SER A 399 18.37 -11.19 6.04
C SER A 399 17.62 -11.66 7.27
N PHE A 400 16.45 -12.23 7.03
CA PHE A 400 15.56 -12.77 8.07
C PHE A 400 14.45 -13.55 7.35
N VAL A 401 13.53 -14.10 8.12
CA VAL A 401 12.42 -14.86 7.58
C VAL A 401 11.12 -14.35 8.19
N ILE A 402 10.09 -14.20 7.35
CA ILE A 402 8.78 -13.70 7.78
C ILE A 402 7.69 -14.49 7.07
N ARG A 403 6.46 -14.25 7.52
CA ARG A 403 5.28 -14.86 6.93
C ARG A 403 5.00 -14.27 5.55
N GLY A 404 4.44 -15.10 4.67
CA GLY A 404 4.18 -14.67 3.30
C GLY A 404 3.28 -13.45 3.20
N ASP A 405 2.26 -13.38 4.06
CA ASP A 405 1.34 -12.25 4.05
C ASP A 405 2.01 -10.93 4.43
N GLU A 406 3.16 -10.96 5.09
CA GLU A 406 3.80 -9.75 5.59
C GLU A 406 4.84 -9.18 4.64
N VAL A 407 4.97 -9.74 3.43
CA VAL A 407 5.97 -9.27 2.49
C VAL A 407 5.71 -7.82 2.09
N ARG A 408 4.43 -7.44 1.95
CA ARG A 408 4.09 -6.08 1.56
C ARG A 408 4.55 -5.05 2.58
N GLN A 409 4.78 -5.45 3.83
CA GLN A 409 5.20 -4.51 4.87
C GLN A 409 6.65 -4.07 4.72
N ILE A 410 7.45 -4.78 3.93
CA ILE A 410 8.85 -4.41 3.74
C ILE A 410 8.90 -3.43 2.57
N ALA A 411 8.63 -2.17 2.89
CA ALA A 411 8.60 -1.09 1.91
C ALA A 411 8.59 0.25 2.62
N PRO A 412 9.07 1.33 1.99
CA PRO A 412 9.05 2.63 2.64
C PRO A 412 7.63 3.18 2.80
N GLY A 413 7.33 3.66 4.00
CA GLY A 413 6.04 4.26 4.27
C GLY A 413 4.92 3.28 4.59
N GLN A 414 5.25 2.03 4.91
CA GLN A 414 4.24 1.04 5.25
C GLN A 414 3.97 1.03 6.75
N THR A 415 2.99 0.21 7.15
CA THR A 415 2.57 0.13 8.54
C THR A 415 2.14 -1.29 8.86
N GLY A 416 2.18 -1.62 10.15
CA GLY A 416 1.86 -2.96 10.62
C GLY A 416 2.76 -3.40 11.75
N LYS A 417 2.48 -4.57 12.34
CA LYS A 417 3.26 -5.06 13.47
C LYS A 417 4.75 -5.14 13.13
N ILE A 418 5.08 -5.73 11.99
CA ILE A 418 6.49 -5.88 11.61
C ILE A 418 7.14 -4.52 11.38
N ALA A 419 6.49 -3.65 10.61
CA ALA A 419 7.07 -2.34 10.37
C ALA A 419 7.15 -1.48 11.63
N ASP A 420 6.18 -1.60 12.53
CA ASP A 420 6.17 -0.77 13.72
C ASP A 420 7.16 -1.22 14.79
N TYR A 421 7.36 -2.53 14.95
CA TYR A 421 8.17 -3.02 16.06
C TYR A 421 9.33 -3.92 15.70
N ASN A 422 9.44 -4.39 14.46
CA ASN A 422 10.50 -5.33 14.11
C ASN A 422 11.53 -4.77 13.14
N TYR A 423 11.10 -4.16 12.03
CA TYR A 423 12.02 -3.65 11.04
C TYR A 423 11.41 -2.40 10.42
N LYS A 424 12.26 -1.48 10.00
CA LYS A 424 11.77 -0.20 9.47
C LYS A 424 12.76 0.37 8.47
N LEU A 425 12.26 0.70 7.29
CA LEU A 425 12.99 1.33 6.20
C LEU A 425 12.74 2.84 6.19
N PRO A 426 13.75 3.64 5.87
CA PRO A 426 13.53 5.09 5.78
C PRO A 426 12.61 5.44 4.62
N ASP A 427 12.13 6.69 4.64
CA ASP A 427 11.26 7.17 3.57
C ASP A 427 12.01 7.48 2.29
N ASP A 428 13.33 7.53 2.32
CA ASP A 428 14.16 7.80 1.14
C ASP A 428 15.16 6.67 0.94
N PHE A 429 14.72 5.44 1.19
CA PHE A 429 15.54 4.26 1.03
C PHE A 429 16.05 4.14 -0.40
N THR A 430 17.17 3.46 -0.56
CA THR A 430 17.78 3.23 -1.87
C THR A 430 18.39 1.83 -1.88
N GLY A 431 17.75 0.91 -2.61
CA GLY A 431 18.20 -0.46 -2.63
C GLY A 431 17.17 -1.35 -3.28
N CYS A 432 17.25 -2.64 -2.98
CA CYS A 432 16.35 -3.64 -3.55
C CYS A 432 15.86 -4.58 -2.47
N VAL A 433 14.71 -5.19 -2.72
CA VAL A 433 14.11 -6.18 -1.83
C VAL A 433 13.91 -7.47 -2.62
N ILE A 434 14.39 -8.58 -2.07
CA ILE A 434 14.36 -9.87 -2.73
C ILE A 434 13.66 -10.86 -1.82
N ALA A 435 12.80 -11.71 -2.40
CA ALA A 435 12.11 -12.71 -1.59
C ALA A 435 11.76 -13.91 -2.45
N TRP A 436 11.69 -15.08 -1.82
CA TRP A 436 11.31 -16.31 -2.50
C TRP A 436 10.71 -17.26 -1.47
N ASN A 437 9.88 -18.19 -1.96
CA ASN A 437 9.23 -19.16 -1.08
C ASN A 437 10.26 -20.14 -0.52
N SER A 438 10.02 -20.56 0.73
CA SER A 438 10.92 -21.48 1.41
C SER A 438 10.14 -22.57 2.14
N ASN A 439 9.03 -23.02 1.55
CA ASN A 439 8.20 -24.02 2.22
C ASN A 439 8.90 -25.36 2.37
N ASN A 440 9.78 -25.73 1.43
CA ASN A 440 10.49 -27.00 1.53
C ASN A 440 11.40 -27.06 2.74
N LEU A 441 11.80 -25.92 3.29
CA LEU A 441 12.63 -25.83 4.48
C LEU A 441 11.84 -25.10 5.55
N ASP A 442 12.39 -25.07 6.76
CA ASP A 442 11.78 -24.31 7.86
C ASP A 442 10.32 -24.69 8.08
N SER A 443 9.99 -25.97 7.84
CA SER A 443 8.60 -26.43 7.93
C SER A 443 8.62 -27.88 8.40
N LYS A 444 8.38 -28.08 9.69
CA LYS A 444 8.40 -29.40 10.31
C LYS A 444 6.99 -29.82 10.71
N VAL A 445 6.75 -31.14 10.65
CA VAL A 445 5.47 -31.68 11.08
C VAL A 445 5.23 -31.35 12.55
N GLY A 446 4.09 -30.75 12.85
CA GLY A 446 3.77 -30.32 14.19
C GLY A 446 4.10 -28.87 14.49
N GLY A 447 4.86 -28.21 13.62
CA GLY A 447 5.21 -26.82 13.79
C GLY A 447 6.66 -26.66 14.22
N ASN A 448 7.26 -25.53 13.83
CA ASN A 448 8.63 -25.23 14.20
C ASN A 448 8.71 -24.53 15.55
N TYR A 449 8.01 -23.41 15.69
CA TYR A 449 8.04 -22.60 16.90
C TYR A 449 9.44 -22.12 17.24
N ASN A 450 10.30 -22.03 16.22
CA ASN A 450 11.67 -21.55 16.39
C ASN A 450 11.76 -20.05 16.14
N TYR A 451 11.19 -19.59 15.02
CA TYR A 451 11.23 -18.19 14.66
C TYR A 451 10.23 -17.39 15.50
N LEU A 452 10.65 -16.22 15.95
CA LEU A 452 9.85 -15.35 16.80
C LEU A 452 9.67 -13.99 16.14
N TYR A 453 8.72 -13.23 16.69
CA TYR A 453 8.49 -11.85 16.27
C TYR A 453 8.00 -11.07 17.49
N ARG A 454 8.45 -9.83 17.60
CA ARG A 454 8.08 -9.00 18.74
C ARG A 454 6.64 -8.52 18.64
N LEU A 455 6.05 -8.30 19.81
CA LEU A 455 4.67 -7.83 19.92
C LEU A 455 4.55 -7.07 21.23
N PHE A 456 3.55 -6.18 21.30
CA PHE A 456 3.25 -5.41 22.49
C PHE A 456 4.33 -4.40 22.85
N ARG A 457 5.10 -3.91 21.87
CA ARG A 457 6.06 -2.87 22.19
C ARG A 457 5.34 -1.56 22.51
N LYS A 458 6.03 -0.69 23.26
CA LYS A 458 5.43 0.56 23.69
C LYS A 458 5.71 1.74 22.77
N SER A 459 6.84 1.73 22.05
CA SER A 459 7.20 2.80 21.14
C SER A 459 7.61 2.25 19.79
N ASN A 460 7.28 2.99 18.74
CA ASN A 460 7.66 2.58 17.40
C ASN A 460 9.16 2.72 17.20
N LEU A 461 9.73 1.83 16.39
CA LEU A 461 11.16 1.84 16.14
C LEU A 461 11.55 2.96 15.18
N LYS A 462 12.80 3.39 15.30
CA LYS A 462 13.45 4.32 14.38
C LYS A 462 14.03 3.54 13.21
N PRO A 463 14.29 4.20 12.09
CA PRO A 463 14.87 3.48 10.94
C PRO A 463 16.21 2.84 11.29
N PHE A 464 16.39 1.62 10.80
CA PHE A 464 17.62 0.84 10.97
C PHE A 464 18.06 0.71 12.43
N GLU A 465 17.22 0.05 13.23
CA GLU A 465 17.62 -0.31 14.58
C GLU A 465 16.96 -1.62 14.95
N ARG A 466 17.56 -2.33 15.91
CA ARG A 466 17.04 -3.61 16.36
C ARG A 466 16.97 -3.63 17.88
N ASP A 467 15.96 -4.33 18.39
CA ASP A 467 15.78 -4.54 19.82
C ASP A 467 15.65 -6.05 20.02
N ILE A 468 16.65 -6.65 20.66
CA ILE A 468 16.70 -8.10 20.78
C ILE A 468 16.46 -8.59 22.20
N SER A 469 16.85 -7.84 23.22
CA SER A 469 16.77 -8.34 24.59
C SER A 469 15.32 -8.54 24.99
N THR A 470 15.01 -9.72 25.53
CA THR A 470 13.71 -9.96 26.14
C THR A 470 13.70 -9.25 27.48
N GLU A 471 12.83 -8.26 27.62
CA GLU A 471 12.83 -7.39 28.79
C GLU A 471 11.54 -7.62 29.56
N ILE A 472 11.42 -6.91 30.68
CA ILE A 472 10.28 -7.02 31.59
C ILE A 472 9.00 -6.89 30.76
N TYR A 473 7.95 -7.56 31.21
CA TYR A 473 6.74 -7.67 30.41
C TYR A 473 5.98 -6.35 30.35
N GLN A 474 5.46 -6.04 29.17
CA GLN A 474 4.63 -4.85 29.00
C GLN A 474 3.40 -4.97 29.88
N ALA A 475 3.09 -3.89 30.60
CA ALA A 475 1.98 -3.90 31.54
C ALA A 475 1.44 -2.48 31.66
N GLY A 476 0.58 -2.26 32.65
CA GLY A 476 0.02 -0.95 32.89
C GLY A 476 0.78 -0.16 33.94
N SER A 477 0.08 0.24 35.00
CA SER A 477 0.67 1.05 36.06
C SER A 477 1.18 0.22 37.23
N THR A 478 0.96 -1.09 37.22
CA THR A 478 1.31 -2.01 38.28
C THR A 478 2.53 -2.84 37.92
N PRO A 479 3.47 -3.01 38.84
CA PRO A 479 4.65 -3.83 38.56
C PRO A 479 4.25 -5.25 38.22
N CYS A 480 5.04 -5.86 37.34
CA CYS A 480 4.73 -7.21 36.87
C CYS A 480 6.01 -8.01 36.76
N ASN A 481 5.96 -9.23 37.28
CA ASN A 481 7.09 -10.16 37.27
C ASN A 481 6.65 -11.55 36.82
N GLY A 482 5.51 -11.64 36.14
CA GLY A 482 4.97 -12.93 35.73
C GLY A 482 4.01 -12.80 34.56
N VAL A 483 2.78 -13.31 34.70
CA VAL A 483 1.79 -13.16 33.63
C VAL A 483 0.43 -12.93 34.25
N GLU A 484 0.27 -13.30 35.53
CA GLU A 484 -1.02 -13.22 36.21
C GLU A 484 -1.71 -11.89 35.93
N GLY A 485 -0.95 -10.79 36.02
CA GLY A 485 -1.40 -9.46 35.65
C GLY A 485 -2.29 -9.49 34.43
N PHE A 486 -3.61 -9.38 34.61
CA PHE A 486 -4.53 -9.57 33.49
C PHE A 486 -4.17 -8.72 32.28
N ASN A 487 -3.48 -7.60 32.46
CA ASN A 487 -2.98 -6.82 31.33
C ASN A 487 -1.50 -7.03 31.06
N CYS A 488 -0.85 -7.96 31.75
CA CYS A 488 0.57 -8.23 31.57
C CYS A 488 0.77 -9.29 30.50
N TYR A 489 1.75 -9.09 29.61
CA TYR A 489 1.95 -10.00 28.49
C TYR A 489 3.42 -10.17 28.17
N PHE A 490 3.83 -11.40 27.85
CA PHE A 490 5.19 -11.64 27.40
C PHE A 490 5.38 -10.99 26.03
N PRO A 491 6.50 -10.29 25.81
CA PRO A 491 6.62 -9.48 24.60
C PRO A 491 6.99 -10.22 23.33
N LEU A 492 7.12 -11.54 23.32
CA LEU A 492 7.45 -12.26 22.10
C LEU A 492 6.39 -13.31 21.78
N GLN A 493 6.35 -13.68 20.50
CA GLN A 493 5.40 -14.67 19.99
C GLN A 493 6.14 -15.52 18.96
N SER A 494 5.62 -16.71 18.70
CA SER A 494 6.27 -17.67 17.82
C SER A 494 5.38 -18.02 16.63
N TYR A 495 5.98 -18.20 15.46
CA TYR A 495 5.25 -18.62 14.29
C TYR A 495 4.92 -20.11 14.35
N GLY A 496 3.89 -20.49 13.61
CA GLY A 496 3.41 -21.87 13.60
C GLY A 496 3.55 -22.54 12.24
N PHE A 497 4.71 -22.36 11.61
CA PHE A 497 4.95 -22.97 10.30
C PHE A 497 4.76 -24.48 10.34
N GLN A 498 4.00 -25.00 9.39
CA GLN A 498 3.68 -26.42 9.29
C GLN A 498 3.72 -26.83 7.83
N PRO A 499 3.90 -28.13 7.55
CA PRO A 499 4.00 -28.56 6.14
C PRO A 499 2.79 -28.23 5.31
N THR A 500 1.59 -28.16 5.90
CA THR A 500 0.38 -27.82 5.17
C THR A 500 -0.24 -26.57 5.80
N ASN A 501 -0.42 -25.54 4.98
CA ASN A 501 -1.00 -24.26 5.38
C ASN A 501 -1.32 -23.50 4.11
N GLY A 502 -2.12 -22.44 4.26
CA GLY A 502 -2.40 -21.58 3.14
C GLY A 502 -1.13 -20.89 2.66
N VAL A 503 -1.05 -20.66 1.34
CA VAL A 503 0.15 -20.06 0.76
C VAL A 503 0.49 -18.74 1.46
N GLY A 504 -0.51 -18.04 2.00
CA GLY A 504 -0.25 -16.81 2.71
C GLY A 504 0.45 -17.01 4.04
N TYR A 505 0.32 -18.19 4.64
CA TYR A 505 0.93 -18.49 5.92
C TYR A 505 2.24 -19.26 5.81
N GLN A 506 2.69 -19.56 4.60
CA GLN A 506 3.95 -20.27 4.45
C GLN A 506 5.13 -19.31 4.64
N PRO A 507 6.28 -19.82 5.09
CA PRO A 507 7.43 -18.94 5.31
C PRO A 507 8.10 -18.50 4.02
N TYR A 508 8.67 -17.30 4.08
CA TYR A 508 9.38 -16.69 2.96
C TYR A 508 10.71 -16.15 3.47
N ARG A 509 11.76 -16.37 2.69
CA ARG A 509 13.07 -15.81 3.01
C ARG A 509 13.23 -14.50 2.25
N VAL A 510 13.66 -13.46 2.96
CA VAL A 510 13.78 -12.13 2.40
C VAL A 510 15.15 -11.55 2.74
N VAL A 511 15.75 -10.85 1.79
CA VAL A 511 17.03 -10.17 1.96
C VAL A 511 16.91 -8.78 1.37
N VAL A 512 17.48 -7.79 2.07
CA VAL A 512 17.40 -6.40 1.65
C VAL A 512 18.81 -5.88 1.43
N LEU A 513 19.04 -5.25 0.29
CA LEU A 513 20.34 -4.69 -0.07
C LEU A 513 20.26 -3.16 -0.01
N SER A 514 21.32 -2.55 0.52
CA SER A 514 21.37 -1.10 0.64
C SER A 514 22.68 -0.59 0.06
N PHE A 515 22.61 0.56 -0.59
CA PHE A 515 23.77 1.18 -1.22
C PHE A 515 23.93 2.59 -0.69
N GLU A 516 25.18 3.00 -0.47
CA GLU A 516 25.42 4.35 0.03
C GLU A 516 26.86 4.73 -0.27
N LEU A 517 27.06 5.99 -0.66
CA LEU A 517 28.39 6.50 -0.93
C LEU A 517 28.61 7.87 -0.27
N VAL B 2 1.95 8.38 10.10
CA VAL B 2 1.69 9.56 9.28
C VAL B 2 0.20 9.87 9.22
N GLN B 3 -0.12 11.17 9.19
CA GLN B 3 -1.49 11.62 9.11
C GLN B 3 -1.56 12.79 8.12
N LEU B 4 -2.69 12.91 7.44
CA LEU B 4 -2.92 13.98 6.49
C LEU B 4 -4.05 14.87 6.99
N GLN B 5 -3.85 16.18 6.91
CA GLN B 5 -4.85 17.14 7.33
C GLN B 5 -5.15 18.06 6.15
N GLN B 6 -6.39 18.56 6.11
CA GLN B 6 -6.82 19.43 5.02
C GLN B 6 -7.36 20.73 5.60
N TRP B 7 -7.28 21.80 4.81
CA TRP B 7 -7.75 23.12 5.20
C TRP B 7 -8.43 23.76 4.01
N GLY B 8 -9.66 24.23 4.19
CA GLY B 8 -10.36 24.91 3.13
C GLY B 8 -11.56 25.68 3.61
N PRO B 9 -12.11 26.52 2.73
CA PRO B 9 -13.32 27.27 3.06
C PRO B 9 -14.57 26.41 2.86
N GLY B 10 -15.57 26.65 3.71
CA GLY B 10 -16.78 25.87 3.59
C GLY B 10 -17.79 26.51 2.66
N LEU B 11 -17.76 27.83 2.55
CA LEU B 11 -18.64 28.56 1.64
C LEU B 11 -17.81 29.36 0.66
N VAL B 12 -18.36 29.54 -0.54
CA VAL B 12 -17.71 30.28 -1.62
C VAL B 12 -18.82 30.92 -2.46
N ASN B 13 -18.56 32.12 -2.96
CA ASN B 13 -19.53 32.81 -3.81
C ASN B 13 -19.65 32.12 -5.17
N PRO B 14 -20.73 32.36 -5.91
CA PRO B 14 -20.95 31.61 -7.17
C PRO B 14 -20.01 31.97 -8.29
N SER B 15 -19.07 32.90 -8.08
CA SER B 15 -18.04 33.19 -9.07
C SER B 15 -16.87 33.77 -8.27
N GLU B 16 -15.92 32.93 -7.93
CA GLU B 16 -14.81 33.30 -7.05
C GLU B 16 -13.71 32.25 -7.24
N THR B 17 -12.65 32.36 -6.45
CA THR B 17 -11.54 31.42 -6.52
C THR B 17 -11.54 30.50 -5.31
N LEU B 18 -11.37 29.21 -5.57
CA LEU B 18 -11.32 28.18 -4.55
C LEU B 18 -9.87 27.84 -4.25
N SER B 19 -9.56 27.62 -2.98
CA SER B 19 -8.20 27.30 -2.56
C SER B 19 -8.25 26.24 -1.47
N LEU B 20 -7.62 25.11 -1.71
CA LEU B 20 -7.53 24.01 -0.77
C LEU B 20 -6.06 23.72 -0.46
N THR B 21 -5.82 23.09 0.68
CA THR B 21 -4.47 22.75 1.10
C THR B 21 -4.49 21.42 1.84
N CYS B 22 -3.46 20.62 1.61
CA CYS B 22 -3.31 19.32 2.25
C CYS B 22 -1.88 19.25 2.78
N SER B 23 -1.69 18.52 3.87
CA SER B 23 -0.37 18.45 4.49
C SER B 23 -0.18 17.10 5.15
N VAL B 24 1.03 16.87 5.65
CA VAL B 24 1.41 15.62 6.29
C VAL B 24 2.09 15.96 7.61
N SER B 25 2.12 14.97 8.51
CA SER B 25 2.76 15.12 9.80
C SER B 25 3.53 13.85 10.10
N GLY B 26 4.73 14.02 10.66
CA GLY B 26 5.57 12.88 10.95
C GLY B 26 6.40 12.40 9.78
N GLY B 27 6.45 13.17 8.70
CA GLY B 27 7.22 12.81 7.52
C GLY B 27 7.61 14.06 6.76
N SER B 28 7.72 13.94 5.44
CA SER B 28 8.11 15.06 4.61
C SER B 28 7.66 14.81 3.18
N PHE B 29 7.40 15.88 2.44
CA PHE B 29 7.05 15.75 1.04
C PHE B 29 8.27 15.53 0.16
N ALA B 30 9.44 16.04 0.57
CA ALA B 30 10.65 15.95 -0.22
C ALA B 30 11.21 14.53 -0.29
N THR B 31 10.76 13.77 -1.28
CA THR B 31 11.17 12.38 -1.47
C THR B 31 10.76 11.98 -2.88
N GLU B 32 11.66 11.30 -3.59
CA GLU B 32 11.40 10.90 -4.97
C GLU B 32 10.72 9.55 -5.06
N ASN B 33 10.11 9.09 -3.98
CA ASN B 33 9.51 7.77 -3.89
C ASN B 33 7.99 7.82 -3.96
N TYR B 34 7.38 9.00 -3.88
CA TYR B 34 5.96 9.15 -3.68
C TYR B 34 5.36 10.06 -4.75
N TYR B 35 4.04 10.02 -4.86
CA TYR B 35 3.29 10.89 -5.76
C TYR B 35 1.94 11.19 -5.13
N TRP B 36 1.32 12.29 -5.58
CA TRP B 36 0.09 12.80 -5.00
C TRP B 36 -0.96 13.02 -6.08
N SER B 37 -2.23 13.04 -5.64
CA SER B 37 -3.35 13.18 -6.54
C SER B 37 -4.51 13.82 -5.79
N TRP B 38 -5.51 14.26 -6.55
CA TRP B 38 -6.73 14.86 -6.02
C TRP B 38 -7.92 14.13 -6.60
N ILE B 39 -8.87 13.75 -5.74
CA ILE B 39 -10.09 13.07 -6.14
C ILE B 39 -11.26 13.91 -5.66
N ARG B 40 -12.38 13.84 -6.37
CA ARG B 40 -13.58 14.53 -5.93
C ARG B 40 -14.80 13.63 -6.18
N GLN B 41 -15.87 13.92 -5.45
CA GLN B 41 -17.10 13.12 -5.51
C GLN B 41 -18.30 14.05 -5.40
N HIS B 42 -19.11 14.10 -6.45
CA HIS B 42 -20.35 14.86 -6.38
C HIS B 42 -21.34 14.15 -5.46
N PRO B 43 -22.28 14.88 -4.87
CA PRO B 43 -23.23 14.24 -3.95
C PRO B 43 -24.03 13.15 -4.63
N GLY B 44 -24.00 11.96 -4.03
CA GLY B 44 -24.69 10.80 -4.59
C GLY B 44 -24.24 10.36 -5.96
N GLU B 45 -22.93 10.35 -6.21
CA GLU B 45 -22.38 9.94 -7.50
C GLU B 45 -21.03 9.27 -7.27
N GLY B 46 -20.46 8.78 -8.36
CA GLY B 46 -19.18 8.11 -8.32
C GLY B 46 -18.03 9.08 -8.15
N LEU B 47 -16.82 8.53 -8.15
CA LEU B 47 -15.60 9.31 -7.95
C LEU B 47 -15.04 9.79 -9.29
N GLU B 48 -14.26 10.86 -9.23
CA GLU B 48 -13.59 11.42 -10.39
C GLU B 48 -12.14 11.72 -10.04
N TRP B 49 -11.25 11.48 -11.00
CA TRP B 49 -9.82 11.69 -10.82
C TRP B 49 -9.42 13.01 -11.49
N ILE B 50 -8.73 13.87 -10.74
CA ILE B 50 -8.36 15.20 -11.24
C ILE B 50 -7.01 15.14 -11.92
N GLY B 51 -5.97 14.72 -11.21
CA GLY B 51 -4.65 14.65 -11.80
C GLY B 51 -3.62 14.19 -10.80
N ASN B 52 -2.37 14.14 -11.27
CA ASN B 52 -1.24 13.64 -10.49
C ASN B 52 -0.10 14.64 -10.54
N ILE B 53 0.70 14.66 -9.48
CA ILE B 53 1.90 15.48 -9.41
C ILE B 53 3.04 14.62 -8.90
N TYR B 54 4.21 14.75 -9.54
CA TYR B 54 5.37 13.96 -9.22
C TYR B 54 6.47 14.83 -8.66
N PHE B 55 7.43 14.19 -8.01
CA PHE B 55 8.63 14.88 -7.58
C PHE B 55 9.33 15.45 -8.82
N SER B 56 9.96 16.61 -8.64
CA SER B 56 10.57 17.46 -9.68
C SER B 56 9.55 18.36 -10.35
N GLY B 57 8.31 18.40 -9.87
CA GLY B 57 7.31 19.33 -10.34
C GLY B 57 6.52 18.95 -11.57
N ASN B 58 6.75 17.78 -12.16
CA ASN B 58 5.96 17.38 -13.32
C ASN B 58 4.52 17.10 -12.89
N THR B 59 3.59 17.25 -13.84
CA THR B 59 2.17 17.07 -13.58
C THR B 59 1.49 16.36 -14.74
N TYR B 60 0.32 15.80 -14.45
CA TYR B 60 -0.47 15.06 -15.45
C TYR B 60 -1.94 15.24 -15.07
N TYR B 61 -2.74 15.78 -15.99
CA TYR B 61 -4.12 16.17 -15.73
C TYR B 61 -5.10 15.27 -16.47
N ASN B 62 -6.38 15.40 -16.09
CA ASN B 62 -7.46 14.63 -16.68
C ASN B 62 -7.96 15.32 -17.95
N PRO B 63 -7.83 14.69 -19.12
CA PRO B 63 -8.26 15.35 -20.36
C PRO B 63 -9.74 15.70 -20.40
N SER B 64 -10.60 14.90 -19.77
CA SER B 64 -12.04 15.18 -19.81
C SER B 64 -12.35 16.57 -19.28
N LEU B 65 -11.66 16.96 -18.21
CA LEU B 65 -11.79 18.31 -17.68
C LEU B 65 -11.03 19.29 -18.56
N ASN B 66 -11.54 20.52 -18.65
CA ASN B 66 -10.95 21.52 -19.52
C ASN B 66 -9.81 22.28 -18.85
N ASN B 67 -8.84 21.53 -18.32
CA ASN B 67 -7.64 22.04 -17.64
C ASN B 67 -7.91 23.30 -16.83
N ARG B 68 -9.01 23.27 -16.08
CA ARG B 68 -9.38 24.38 -15.21
C ARG B 68 -8.61 24.34 -13.90
N PHE B 69 -8.20 23.16 -13.44
CA PHE B 69 -7.54 22.96 -12.16
C PHE B 69 -6.03 23.17 -12.27
N THR B 70 -5.39 23.24 -11.10
CA THR B 70 -3.94 23.44 -11.02
C THR B 70 -3.44 22.82 -9.72
N ILE B 71 -2.29 22.15 -9.79
CA ILE B 71 -1.69 21.47 -8.64
C ILE B 71 -0.24 21.94 -8.52
N SER B 72 0.20 22.24 -7.31
CA SER B 72 1.56 22.74 -7.12
C SER B 72 2.01 22.52 -5.69
N PHE B 73 3.32 22.49 -5.51
CA PHE B 73 3.95 22.40 -4.20
C PHE B 73 4.20 23.79 -3.63
N ASP B 74 4.60 23.81 -2.35
CA ASP B 74 5.03 25.03 -1.66
C ASP B 74 6.18 24.63 -0.75
N THR B 75 7.41 24.70 -1.29
CA THR B 75 8.57 24.27 -0.53
C THR B 75 8.84 25.16 0.69
N SER B 76 8.33 26.38 0.71
CA SER B 76 8.47 27.21 1.92
C SER B 76 7.71 26.62 3.11
N LYS B 77 6.63 25.89 2.85
CA LYS B 77 5.83 25.27 3.89
C LYS B 77 5.69 23.76 3.76
N ASN B 78 6.14 23.17 2.64
CA ASN B 78 5.94 21.76 2.36
C ASN B 78 4.46 21.39 2.36
N HIS B 79 3.68 22.13 1.56
CA HIS B 79 2.27 21.89 1.33
C HIS B 79 2.04 21.56 -0.13
N LEU B 80 0.86 21.04 -0.43
CA LEU B 80 0.37 20.88 -1.79
C LEU B 80 -1.04 21.45 -1.84
N SER B 81 -1.35 22.17 -2.91
CA SER B 81 -2.62 22.87 -3.00
C SER B 81 -3.29 22.64 -4.34
N LEU B 82 -4.61 22.88 -4.35
CA LEU B 82 -5.43 22.79 -5.54
C LEU B 82 -6.04 24.17 -5.80
N LYS B 83 -6.07 24.57 -7.05
CA LYS B 83 -6.53 25.89 -7.45
C LYS B 83 -7.63 25.77 -8.50
N LEU B 84 -8.71 26.52 -8.31
CA LEU B 84 -9.83 26.51 -9.25
C LEU B 84 -10.50 27.87 -9.20
N PRO B 85 -10.19 28.74 -10.16
CA PRO B 85 -10.85 30.05 -10.21
C PRO B 85 -12.16 30.00 -11.00
N SER B 86 -13.01 30.99 -10.73
CA SER B 86 -14.29 31.16 -11.43
C SER B 86 -15.20 29.95 -11.22
N VAL B 87 -15.40 29.59 -9.95
CA VAL B 87 -16.26 28.45 -9.62
C VAL B 87 -17.69 28.68 -10.11
N THR B 88 -18.44 27.59 -10.23
CA THR B 88 -19.82 27.64 -10.68
C THR B 88 -20.65 26.70 -9.81
N ALA B 89 -21.92 26.55 -10.15
CA ALA B 89 -22.84 25.75 -9.35
C ALA B 89 -22.41 24.28 -9.30
N ALA B 90 -21.88 23.75 -10.39
CA ALA B 90 -21.50 22.34 -10.47
C ALA B 90 -20.20 22.01 -9.75
N ASP B 91 -19.65 22.91 -8.94
CA ASP B 91 -18.39 22.66 -8.24
C ASP B 91 -18.57 22.20 -6.80
N THR B 92 -19.80 21.97 -6.35
CA THR B 92 -20.04 21.49 -4.99
C THR B 92 -19.77 20.00 -4.91
N ALA B 93 -18.85 19.60 -4.04
CA ALA B 93 -18.44 18.21 -3.90
C ALA B 93 -17.48 18.09 -2.72
N VAL B 94 -17.04 16.86 -2.44
CA VAL B 94 -16.00 16.57 -1.47
C VAL B 94 -14.69 16.39 -2.22
N TYR B 95 -13.58 16.80 -1.60
CA TYR B 95 -12.28 16.74 -2.23
C TYR B 95 -11.30 15.97 -1.35
N TYR B 96 -10.50 15.10 -1.97
CA TYR B 96 -9.58 14.25 -1.25
C TYR B 96 -8.16 14.40 -1.81
N CYS B 97 -7.18 14.21 -0.94
CA CYS B 97 -5.77 14.15 -1.30
C CYS B 97 -5.23 12.78 -0.90
N ALA B 98 -4.41 12.18 -1.75
CA ALA B 98 -3.90 10.84 -1.48
C ALA B 98 -2.42 10.78 -1.83
N ARG B 99 -1.83 9.60 -1.60
CA ARG B 99 -0.41 9.38 -1.85
C ARG B 99 -0.18 7.98 -2.38
N GLY B 100 0.93 7.79 -3.11
CA GLY B 100 1.28 6.49 -3.65
C GLY B 100 2.78 6.23 -3.66
N THR B 101 3.22 5.17 -4.36
CA THR B 101 4.62 4.77 -4.33
C THR B 101 5.08 4.42 -5.74
N ILE B 102 6.37 4.62 -6.00
CA ILE B 102 6.98 4.36 -7.30
C ILE B 102 8.16 3.40 -7.10
N TYR B 103 8.33 2.47 -8.03
CA TYR B 103 9.41 1.49 -7.93
C TYR B 103 9.79 1.01 -9.32
N PHE B 104 10.94 0.34 -9.40
CA PHE B 104 11.47 -0.21 -10.64
C PHE B 104 11.35 -1.73 -10.63
N ASP B 105 11.06 -2.29 -11.80
CA ASP B 105 10.84 -3.72 -11.95
C ASP B 105 12.18 -4.42 -12.19
N ARG B 106 12.16 -5.75 -12.11
CA ARG B 106 13.37 -6.52 -12.37
C ARG B 106 13.88 -6.30 -13.80
N SER B 107 12.95 -6.22 -14.75
CA SER B 107 13.32 -5.98 -16.15
C SER B 107 13.84 -4.56 -16.39
N GLY B 108 13.69 -3.67 -15.42
CA GLY B 108 14.17 -2.31 -15.56
C GLY B 108 13.10 -1.27 -15.81
N TYR B 109 11.86 -1.68 -16.04
CA TYR B 109 10.78 -0.73 -16.28
C TYR B 109 10.37 -0.04 -14.99
N ARG B 110 9.53 0.98 -15.12
CA ARG B 110 9.04 1.75 -13.98
C ARG B 110 7.55 1.50 -13.80
N ARG B 111 7.16 1.10 -12.59
CA ARG B 111 5.77 0.79 -12.29
C ARG B 111 5.27 1.70 -11.18
N VAL B 112 3.97 1.57 -10.89
CA VAL B 112 3.30 2.42 -9.92
C VAL B 112 2.36 1.56 -9.08
N ASP B 113 2.08 2.03 -7.86
CA ASP B 113 1.12 1.43 -6.96
C ASP B 113 -0.10 2.33 -6.78
N PRO B 114 -1.28 1.76 -6.53
CA PRO B 114 -2.47 2.59 -6.30
C PRO B 114 -2.37 3.33 -4.99
N PHE B 115 -3.32 4.24 -4.78
CA PHE B 115 -3.36 5.05 -3.57
C PHE B 115 -3.50 4.17 -2.33
N HIS B 116 -2.81 4.55 -1.26
CA HIS B 116 -2.90 3.81 -0.01
C HIS B 116 -3.03 4.69 1.22
N ILE B 117 -2.94 6.02 1.09
CA ILE B 117 -3.20 6.97 2.17
C ILE B 117 -4.24 7.95 1.66
N TRP B 118 -5.27 8.20 2.46
CA TRP B 118 -6.36 9.11 2.07
C TRP B 118 -6.61 10.11 3.16
N GLY B 119 -7.02 11.31 2.76
CA GLY B 119 -7.41 12.34 3.70
C GLY B 119 -8.85 12.19 4.15
N GLN B 120 -9.26 13.08 5.05
CA GLN B 120 -10.60 13.06 5.60
C GLN B 120 -11.64 13.73 4.69
N GLY B 121 -11.20 14.45 3.66
CA GLY B 121 -12.12 15.13 2.78
C GLY B 121 -12.52 16.50 3.30
N THR B 122 -13.03 17.33 2.39
CA THR B 122 -13.47 18.68 2.71
C THR B 122 -14.71 18.99 1.89
N MET B 123 -15.68 19.64 2.51
CA MET B 123 -16.94 19.98 1.87
C MET B 123 -16.96 21.46 1.53
N VAL B 124 -17.42 21.79 0.32
CA VAL B 124 -17.50 23.16 -0.16
C VAL B 124 -18.86 23.37 -0.82
N ILE B 125 -19.46 24.54 -0.60
CA ILE B 125 -20.75 24.89 -1.14
C ILE B 125 -20.62 26.23 -1.86
N VAL B 126 -21.38 26.41 -2.93
CA VAL B 126 -21.39 27.68 -3.65
C VAL B 126 -22.57 28.51 -3.17
N SER B 127 -22.28 29.64 -2.55
CA SER B 127 -23.28 30.51 -1.95
C SER B 127 -23.86 31.43 -3.02
N SER B 128 -24.73 32.34 -2.58
CA SER B 128 -25.40 33.29 -3.47
C SER B 128 -26.25 34.25 -2.67
N ASP C 1 -10.25 7.59 -23.96
CA ASP C 1 -9.44 6.53 -24.55
C ASP C 1 -9.94 5.17 -24.10
N ILE C 2 -9.57 4.76 -22.90
CA ILE C 2 -10.02 3.51 -22.32
C ILE C 2 -11.28 3.76 -21.52
N GLN C 3 -12.15 2.76 -21.45
CA GLN C 3 -13.41 2.89 -20.73
C GLN C 3 -13.75 1.56 -20.09
N MET C 4 -14.62 1.61 -19.09
CA MET C 4 -15.09 0.45 -18.35
C MET C 4 -16.60 0.30 -18.48
N THR C 5 -17.11 -0.72 -17.79
CA THR C 5 -18.52 -1.02 -17.68
C THR C 5 -18.68 -1.99 -16.53
N GLN C 6 -19.47 -1.62 -15.53
CA GLN C 6 -19.74 -2.48 -14.39
C GLN C 6 -21.14 -3.04 -14.46
N SER C 7 -21.31 -4.23 -13.88
CA SER C 7 -22.61 -4.88 -13.81
C SER C 7 -22.59 -5.91 -12.71
N PRO C 8 -23.69 -6.11 -11.97
CA PRO C 8 -24.97 -5.39 -12.07
C PRO C 8 -24.93 -4.02 -11.39
N SER C 9 -25.91 -3.16 -11.69
CA SER C 9 -25.93 -1.83 -11.07
C SER C 9 -26.28 -1.94 -9.59
N THR C 10 -27.21 -2.82 -9.24
CA THR C 10 -27.60 -3.05 -7.86
C THR C 10 -27.73 -4.55 -7.65
N LEU C 11 -27.38 -5.01 -6.45
CA LEU C 11 -27.40 -6.43 -6.14
C LEU C 11 -27.97 -6.64 -4.75
N SER C 12 -28.75 -7.69 -4.58
CA SER C 12 -29.35 -8.04 -3.30
C SER C 12 -28.89 -9.42 -2.86
N ALA C 13 -28.52 -9.54 -1.58
CA ALA C 13 -28.04 -10.79 -1.03
C ALA C 13 -28.37 -10.84 0.46
N SER C 14 -27.86 -11.87 1.14
CA SER C 14 -28.09 -12.06 2.56
C SER C 14 -26.82 -12.64 3.18
N VAL C 15 -26.74 -12.57 4.51
CA VAL C 15 -25.55 -13.03 5.23
C VAL C 15 -25.25 -14.47 4.86
N GLY C 16 -23.99 -14.75 4.53
CA GLY C 16 -23.52 -16.07 4.19
C GLY C 16 -23.65 -16.44 2.73
N ASP C 17 -24.28 -15.61 1.92
CA ASP C 17 -24.45 -15.88 0.49
C ASP C 17 -23.16 -15.60 -0.28
N ARG C 18 -23.18 -15.98 -1.56
CA ARG C 18 -22.08 -15.74 -2.48
C ARG C 18 -22.40 -14.54 -3.37
N VAL C 19 -21.41 -13.70 -3.60
CA VAL C 19 -21.55 -12.48 -4.39
C VAL C 19 -20.43 -12.41 -5.41
N THR C 20 -20.77 -12.01 -6.63
CA THR C 20 -19.80 -11.83 -7.71
C THR C 20 -20.10 -10.53 -8.44
N ILE C 21 -19.03 -9.82 -8.80
CA ILE C 21 -19.12 -8.54 -9.50
C ILE C 21 -18.14 -8.57 -10.66
N THR C 22 -18.53 -7.99 -11.80
CA THR C 22 -17.72 -8.03 -13.00
C THR C 22 -17.39 -6.63 -13.49
N CYS C 23 -16.11 -6.39 -13.78
CA CYS C 23 -15.63 -5.14 -14.34
C CYS C 23 -15.05 -5.46 -15.71
N ARG C 24 -15.54 -4.78 -16.74
CA ARG C 24 -15.13 -5.02 -18.11
C ARG C 24 -14.49 -3.76 -18.70
N ALA C 25 -13.44 -3.95 -19.49
CA ALA C 25 -12.70 -2.84 -20.08
C ALA C 25 -12.88 -2.82 -21.58
N SER C 26 -12.75 -1.62 -22.17
CA SER C 26 -12.93 -1.46 -23.60
C SER C 26 -11.77 -2.04 -24.40
N GLN C 27 -10.55 -1.97 -23.86
CA GLN C 27 -9.37 -2.49 -24.54
C GLN C 27 -8.54 -3.27 -23.53
N SER C 28 -7.68 -4.13 -24.05
CA SER C 28 -6.84 -4.96 -23.19
C SER C 28 -5.94 -4.10 -22.31
N ILE C 29 -5.84 -4.50 -21.05
CA ILE C 29 -4.94 -3.89 -20.07
C ILE C 29 -4.21 -5.02 -19.37
N SER C 30 -2.91 -4.83 -19.14
CA SER C 30 -2.05 -5.90 -18.63
C SER C 30 -2.17 -6.05 -17.11
N SER C 31 -3.38 -6.38 -16.67
CA SER C 31 -3.72 -6.65 -15.27
C SER C 31 -3.63 -5.43 -14.37
N TRP C 32 -3.60 -4.22 -14.93
CA TRP C 32 -3.53 -3.00 -14.12
C TRP C 32 -4.95 -2.58 -13.71
N LEU C 33 -5.45 -3.22 -12.65
CA LEU C 33 -6.79 -2.91 -12.17
C LEU C 33 -6.84 -3.12 -10.67
N ALA C 34 -7.73 -2.40 -9.99
CA ALA C 34 -7.84 -2.46 -8.54
C ALA C 34 -9.29 -2.28 -8.13
N TRP C 35 -9.60 -2.68 -6.90
CA TRP C 35 -10.94 -2.59 -6.34
C TRP C 35 -10.93 -1.82 -5.02
N TYR C 36 -11.93 -0.97 -4.82
CA TYR C 36 -12.06 -0.17 -3.62
C TYR C 36 -13.44 -0.39 -2.99
N GLN C 37 -13.52 -0.15 -1.70
CA GLN C 37 -14.77 -0.22 -0.95
C GLN C 37 -15.00 1.11 -0.24
N GLN C 38 -16.24 1.59 -0.21
CA GLN C 38 -16.55 2.85 0.43
C GLN C 38 -17.81 2.73 1.28
N LYS C 39 -17.67 3.04 2.56
CA LYS C 39 -18.80 3.12 3.49
C LYS C 39 -19.46 4.48 3.37
N PRO C 40 -20.70 4.61 3.83
CA PRO C 40 -21.40 5.90 3.72
C PRO C 40 -20.71 6.99 4.52
N GLY C 41 -20.33 8.07 3.82
CA GLY C 41 -19.69 9.20 4.47
C GLY C 41 -18.29 8.95 4.97
N LYS C 42 -17.51 8.11 4.28
CA LYS C 42 -16.15 7.81 4.69
C LYS C 42 -15.25 7.71 3.46
N ALA C 43 -13.95 7.81 3.70
CA ALA C 43 -12.98 7.68 2.63
C ALA C 43 -12.88 6.23 2.20
N PRO C 44 -12.61 5.97 0.92
CA PRO C 44 -12.49 4.59 0.44
C PRO C 44 -11.26 3.90 1.02
N LYS C 45 -11.16 2.60 0.73
CA LYS C 45 -10.02 1.80 1.13
C LYS C 45 -9.76 0.75 0.05
N LEU C 46 -8.50 0.32 -0.04
CA LEU C 46 -8.08 -0.60 -1.09
C LEU C 46 -8.19 -2.05 -0.63
N LEU C 47 -8.70 -2.91 -1.52
CA LEU C 47 -8.87 -4.34 -1.27
C LEU C 47 -8.00 -5.20 -2.17
N ILE C 48 -8.01 -4.96 -3.47
CA ILE C 48 -7.29 -5.78 -4.43
C ILE C 48 -6.49 -4.86 -5.35
N TYR C 49 -5.37 -5.37 -5.86
CA TYR C 49 -4.56 -4.66 -6.83
C TYR C 49 -3.92 -5.69 -7.75
N ASP C 50 -3.56 -5.22 -8.96
CA ASP C 50 -3.03 -6.08 -10.02
C ASP C 50 -4.04 -7.13 -10.47
N ALA C 51 -5.31 -6.92 -10.13
CA ALA C 51 -6.44 -7.81 -10.46
C ALA C 51 -6.41 -9.13 -9.70
N SER C 52 -5.30 -9.45 -9.04
CA SER C 52 -5.20 -10.73 -8.34
C SER C 52 -4.47 -10.67 -7.01
N SER C 53 -3.88 -9.55 -6.62
CA SER C 53 -3.05 -9.49 -5.42
C SER C 53 -3.87 -8.95 -4.26
N LEU C 54 -3.84 -9.67 -3.14
CA LEU C 54 -4.61 -9.30 -1.96
C LEU C 54 -3.87 -8.24 -1.16
N GLU C 55 -4.62 -7.34 -0.54
CA GLU C 55 -4.04 -6.25 0.22
C GLU C 55 -3.73 -6.73 1.65
N SER C 56 -2.72 -6.12 2.26
CA SER C 56 -2.35 -6.47 3.62
C SER C 56 -3.43 -6.04 4.60
N GLY C 57 -3.80 -6.95 5.51
CA GLY C 57 -4.75 -6.66 6.56
C GLY C 57 -6.21 -6.86 6.23
N VAL C 58 -6.55 -7.14 4.97
CA VAL C 58 -7.95 -7.38 4.61
C VAL C 58 -8.25 -8.85 4.83
N PRO C 59 -9.48 -9.23 5.16
CA PRO C 59 -9.79 -10.64 5.36
C PRO C 59 -9.52 -11.47 4.12
N SER C 60 -9.39 -12.78 4.34
CA SER C 60 -9.08 -13.72 3.26
C SER C 60 -10.30 -14.13 2.44
N ARG C 61 -11.51 -13.77 2.89
CA ARG C 61 -12.70 -14.16 2.14
C ARG C 61 -12.84 -13.41 0.81
N PHE C 62 -12.13 -12.32 0.61
CA PHE C 62 -12.16 -11.61 -0.66
C PHE C 62 -11.17 -12.22 -1.64
N SER C 63 -11.56 -12.26 -2.91
CA SER C 63 -10.68 -12.79 -3.95
C SER C 63 -11.06 -12.17 -5.28
N GLY C 64 -10.12 -12.19 -6.21
CA GLY C 64 -10.34 -11.62 -7.53
C GLY C 64 -9.48 -12.32 -8.56
N SER C 65 -9.95 -12.32 -9.80
CA SER C 65 -9.24 -12.99 -10.88
C SER C 65 -9.67 -12.41 -12.21
N GLY C 66 -8.89 -12.70 -13.24
CA GLY C 66 -9.14 -12.23 -14.59
C GLY C 66 -7.95 -11.48 -15.15
N SER C 67 -8.04 -11.23 -16.45
CA SER C 67 -7.00 -10.48 -17.15
C SER C 67 -7.51 -10.11 -18.53
N GLY C 68 -6.86 -9.12 -19.15
CA GLY C 68 -7.20 -8.68 -20.48
C GLY C 68 -8.36 -7.72 -20.55
N THR C 69 -9.59 -8.25 -20.49
CA THR C 69 -10.78 -7.41 -20.61
C THR C 69 -11.90 -7.82 -19.67
N GLU C 70 -11.76 -8.89 -18.90
CA GLU C 70 -12.78 -9.34 -17.96
C GLU C 70 -12.15 -9.59 -16.59
N PHE C 71 -12.79 -9.07 -15.55
CA PHE C 71 -12.31 -9.22 -14.18
C PHE C 71 -13.51 -9.50 -13.29
N THR C 72 -13.26 -10.19 -12.18
CA THR C 72 -14.34 -10.56 -11.25
C THR C 72 -13.85 -10.42 -9.81
N LEU C 73 -14.75 -9.94 -8.95
CA LEU C 73 -14.53 -9.84 -7.51
C LEU C 73 -15.50 -10.79 -6.83
N THR C 74 -14.99 -11.68 -5.99
CA THR C 74 -15.82 -12.69 -5.35
C THR C 74 -15.68 -12.64 -3.83
N ILE C 75 -16.81 -12.78 -3.13
CA ILE C 75 -16.85 -12.85 -1.67
C ILE C 75 -17.35 -14.24 -1.31
N SER C 76 -16.54 -14.97 -0.54
CA SER C 76 -16.89 -16.36 -0.20
C SER C 76 -18.08 -16.44 0.75
N SER C 77 -18.14 -15.56 1.74
CA SER C 77 -19.22 -15.61 2.73
C SER C 77 -19.46 -14.20 3.26
N LEU C 78 -20.62 -13.63 2.94
CA LEU C 78 -20.95 -12.28 3.37
C LEU C 78 -21.07 -12.18 4.88
N GLN C 79 -20.47 -11.13 5.44
CA GLN C 79 -20.58 -10.76 6.83
C GLN C 79 -21.41 -9.49 6.96
N PRO C 80 -21.88 -9.16 8.17
CA PRO C 80 -22.68 -7.94 8.33
C PRO C 80 -21.94 -6.66 7.96
N ASP C 81 -20.62 -6.70 7.89
CA ASP C 81 -19.80 -5.52 7.59
C ASP C 81 -19.50 -5.38 6.10
N ASP C 82 -19.92 -6.33 5.27
CA ASP C 82 -19.57 -6.33 3.85
C ASP C 82 -20.59 -5.60 2.98
N PHE C 83 -21.63 -5.00 3.56
CA PHE C 83 -22.62 -4.25 2.79
C PHE C 83 -22.13 -2.84 2.56
N ALA C 84 -21.74 -2.52 1.32
CA ALA C 84 -21.19 -1.23 0.97
C ALA C 84 -21.23 -1.08 -0.55
N THR C 85 -20.55 -0.06 -1.06
CA THR C 85 -20.40 0.19 -2.49
C THR C 85 -18.98 -0.16 -2.92
N TYR C 86 -18.84 -0.71 -4.13
CA TYR C 86 -17.56 -1.16 -4.63
C TYR C 86 -17.28 -0.54 -5.99
N TYR C 87 -16.02 -0.19 -6.25
CA TYR C 87 -15.61 0.44 -7.49
C TYR C 87 -14.36 -0.24 -8.04
N CYS C 88 -14.25 -0.29 -9.35
CA CYS C 88 -13.07 -0.79 -10.03
C CYS C 88 -12.38 0.36 -10.75
N GLN C 89 -11.06 0.46 -10.59
CA GLN C 89 -10.26 1.52 -11.19
C GLN C 89 -9.04 0.92 -11.87
N GLN C 90 -8.65 1.49 -13.01
CA GLN C 90 -7.49 1.03 -13.76
C GLN C 90 -6.45 2.13 -13.82
N TYR C 91 -5.17 1.75 -13.78
CA TYR C 91 -4.08 2.70 -13.76
C TYR C 91 -3.06 2.36 -14.83
N ASN C 92 -3.56 2.14 -16.04
CA ASN C 92 -2.68 1.91 -17.20
C ASN C 92 -1.76 3.11 -17.40
N SER C 93 -0.64 2.87 -18.07
CA SER C 93 0.38 3.89 -18.24
C SER C 93 0.20 4.70 -19.51
N TYR C 94 -0.68 4.28 -20.43
CA TYR C 94 -0.84 4.94 -21.71
C TYR C 94 -2.10 5.78 -21.82
N SER C 95 -2.92 5.84 -20.77
CA SER C 95 -4.18 6.55 -20.85
C SER C 95 -4.51 7.12 -19.47
N PRO C 96 -5.36 8.15 -19.40
CA PRO C 96 -5.77 8.69 -18.09
C PRO C 96 -6.50 7.65 -17.26
N TRP C 97 -6.33 7.75 -15.94
CA TRP C 97 -6.97 6.82 -15.03
C TRP C 97 -8.44 7.17 -14.89
N THR C 98 -9.27 6.14 -14.65
CA THR C 98 -10.71 6.33 -14.54
C THR C 98 -11.28 5.33 -13.55
N PHE C 99 -12.44 5.68 -13.00
CA PHE C 99 -13.15 4.85 -12.05
C PHE C 99 -14.40 4.26 -12.69
N GLY C 100 -14.93 3.22 -12.06
CA GLY C 100 -16.16 2.59 -12.49
C GLY C 100 -17.39 3.30 -11.96
N GLN C 101 -18.55 2.79 -12.37
CA GLN C 101 -19.82 3.39 -11.97
C GLN C 101 -20.20 3.04 -10.53
N GLY C 102 -19.74 1.91 -10.03
CA GLY C 102 -20.07 1.50 -8.67
C GLY C 102 -21.26 0.55 -8.63
N THR C 103 -21.26 -0.32 -7.63
CA THR C 103 -22.33 -1.27 -7.41
C THR C 103 -22.65 -1.31 -5.92
N LYS C 104 -23.92 -1.54 -5.60
CA LYS C 104 -24.38 -1.48 -4.22
C LYS C 104 -24.94 -2.83 -3.79
N VAL C 105 -24.69 -3.18 -2.53
CA VAL C 105 -25.15 -4.43 -1.93
C VAL C 105 -26.00 -4.08 -0.71
N GLU C 106 -27.11 -4.80 -0.54
CA GLU C 106 -27.99 -4.58 0.59
C GLU C 106 -28.53 -5.93 1.07
N ILE C 107 -29.16 -5.91 2.24
CA ILE C 107 -29.67 -7.13 2.85
C ILE C 107 -30.99 -7.51 2.21
N LYS C 108 -31.16 -8.81 1.93
CA LYS C 108 -32.40 -9.32 1.36
C LYS C 108 -33.44 -9.49 2.46
#